data_4WBG
#
_entry.id   4WBG
#
_cell.length_a   49.540
_cell.length_b   59.250
_cell.length_c   62.480
_cell.angle_alpha   90.00
_cell.angle_beta   102.72
_cell.angle_gamma   90.00
#
_symmetry.space_group_name_H-M   'P 1 21 1'
#
loop_
_entity.id
_entity.type
_entity.pdbx_description
1 polymer Beta-lactamase
2 non-polymer '2-({[(1Z)-1-(2-amino-1,3-thiazol-4-yl)-2-oxo-2-{[(2S,3S)-1-oxo-3-(sulfoamino)butan-2-yl]amino}ethylidene]amino}oxy)-2-methylpropanoic acid'
3 non-polymer 'ZINC ION'
4 non-polymer 'ACETATE ION'
5 water water
#
_entity_poly.entity_id   1
_entity_poly.type   'polypeptide(L)'
_entity_poly.pdbx_seq_one_letter_code
;MGSSHHHHHHSSGLVPRGSHMGEASPVDPLRPVVDASIQPLLKEHRIPGMAVAVLKDGKAHYFNYGVANRESGASVSEQT
LFEIGSVSKTLTATLGAYAVVKGAMQLDDKASRHAPWLKGSVFDSITMGELATYSAGGLPLQFPEEVDSSEKMRAYYRQW
APVYSPGSHRQYSNPSIGLFGHLAASSLKQPFAQLMEQTLLPGLGMHHTYVNVPKQAMASYAYGYSKEDKPIRVNPGMLA
DEAYGIKTSSADLLAFVKANIGGVDDKALQQAISLTHKGHYSVGGMTQGLGWESYAYPVTEQTLLAGNSAKVILEANPTA
APRESGSQVLFNKTGSSNGFGAYVAFVPARGIGIVMLANRNYPIPARVKAAHAILAQLAG
;
_entity_poly.pdbx_strand_id   A
#
loop_
_chem_comp.id
_chem_comp.type
_chem_comp.name
_chem_comp.formula
ACT non-polymer 'ACETATE ION' 'C2 H3 O2 -1'
AZR non-polymer '2-({[(1Z)-1-(2-amino-1,3-thiazol-4-yl)-2-oxo-2-{[(2S,3S)-1-oxo-3-(sulfoamino)butan-2-yl]amino}ethylidene]amino}oxy)-2-methylpropanoic acid' 'C13 H19 N5 O8 S2'
ZN non-polymer 'ZINC ION' 'Zn 2'
#
# COMPACT_ATOMS: atom_id res chain seq x y z
N ASP A 28 13.90 -0.89 26.16
CA ASP A 28 13.32 0.14 25.25
C ASP A 28 12.18 0.84 25.97
N PRO A 29 12.32 2.16 26.20
CA PRO A 29 11.29 2.86 26.97
C PRO A 29 10.01 3.13 26.16
N LEU A 30 10.05 2.90 24.85
CA LEU A 30 8.83 2.92 24.04
C LEU A 30 8.04 1.63 24.13
N ARG A 31 8.63 0.54 24.65
CA ARG A 31 7.95 -0.75 24.64
C ARG A 31 6.61 -0.73 25.40
N PRO A 32 6.58 -0.08 26.58
CA PRO A 32 5.31 -0.05 27.32
C PRO A 32 4.17 0.61 26.56
N VAL A 33 4.47 1.72 25.90
CA VAL A 33 3.51 2.43 25.09
C VAL A 33 2.99 1.56 23.92
N VAL A 34 3.90 0.91 23.20
CA VAL A 34 3.51 0.09 22.06
C VAL A 34 2.72 -1.14 22.52
N ASP A 35 3.22 -1.83 23.53
CA ASP A 35 2.53 -2.96 24.13
C ASP A 35 1.11 -2.63 24.58
N ALA A 36 0.92 -1.46 25.18
CA ALA A 36 -0.40 -1.08 25.71
C ALA A 36 -1.42 -0.98 24.59
N SER A 37 -0.99 -0.58 23.40
CA SER A 37 -1.91 -0.43 22.27
C SER A 37 -2.03 -1.72 21.45
N ILE A 38 -0.95 -2.50 21.38
CA ILE A 38 -0.89 -3.70 20.53
C ILE A 38 -1.42 -4.95 21.19
N GLN A 39 -1.01 -5.19 22.44
CA GLN A 39 -1.44 -6.41 23.16
C GLN A 39 -2.97 -6.62 23.16
N PRO A 40 -3.76 -5.56 23.42
CA PRO A 40 -5.21 -5.79 23.34
C PRO A 40 -5.71 -6.26 21.96
N LEU A 41 -5.06 -5.82 20.90
CA LEU A 41 -5.41 -6.27 19.54
C LEU A 41 -5.14 -7.76 19.37
N LEU A 42 -3.98 -8.19 19.84
CA LEU A 42 -3.57 -9.59 19.79
C LEU A 42 -4.56 -10.51 20.49
N LYS A 43 -5.03 -10.11 21.67
CA LYS A 43 -5.98 -10.92 22.44
C LYS A 43 -7.34 -10.92 21.82
N GLU A 44 -7.86 -9.73 21.56
CA GLU A 44 -9.23 -9.58 21.07
C GLU A 44 -9.44 -10.31 19.74
N HIS A 45 -8.45 -10.25 18.85
CA HIS A 45 -8.60 -10.85 17.52
C HIS A 45 -7.78 -12.13 17.32
N ARG A 46 -7.23 -12.66 18.41
CA ARG A 46 -6.44 -13.90 18.38
C ARG A 46 -5.40 -13.86 17.25
N ILE A 47 -4.63 -12.79 17.22
CA ILE A 47 -3.67 -12.57 16.14
C ILE A 47 -2.45 -13.46 16.43
N PRO A 48 -2.14 -14.41 15.53
CA PRO A 48 -1.03 -15.30 15.88
C PRO A 48 0.31 -14.57 16.03
N GLY A 49 0.57 -13.58 15.17
CA GLY A 49 1.84 -12.84 15.20
C GLY A 49 1.71 -11.43 14.65
N MET A 50 2.48 -10.51 15.22
CA MET A 50 2.58 -9.14 14.68
C MET A 50 3.98 -8.60 14.81
N ALA A 51 4.48 -8.02 13.72
CA ALA A 51 5.70 -7.23 13.77
C ALA A 51 5.35 -5.75 13.71
N VAL A 52 5.82 -5.04 14.71
CA VAL A 52 5.60 -3.61 14.82
C VAL A 52 6.95 -2.91 14.78
N ALA A 53 7.04 -1.88 13.96
CA ALA A 53 8.23 -1.07 13.91
C ALA A 53 7.85 0.40 14.01
N VAL A 54 8.65 1.12 14.78
CA VAL A 54 8.43 2.52 15.01
C VAL A 54 9.70 3.32 14.74
N LEU A 55 9.48 4.47 14.11
CA LEU A 55 10.51 5.44 13.86
C LEU A 55 10.27 6.70 14.71
N LYS A 56 11.33 7.13 15.40
CA LYS A 56 11.35 8.39 16.12
C LYS A 56 12.79 8.90 16.21
N ASP A 57 12.99 10.18 15.88
CA ASP A 57 14.29 10.82 15.97
C ASP A 57 15.35 10.00 15.24
N GLY A 58 15.04 9.56 14.02
CA GLY A 58 15.99 8.82 13.19
C GLY A 58 16.35 7.42 13.64
N LYS A 59 15.69 6.92 14.68
CA LYS A 59 16.01 5.60 15.21
C LYS A 59 14.83 4.63 15.04
N ALA A 60 15.14 3.42 14.58
CA ALA A 60 14.15 2.35 14.44
C ALA A 60 14.01 1.60 15.74
N HIS A 61 12.78 1.29 16.10
CA HIS A 61 12.49 0.42 17.24
C HIS A 61 11.61 -0.73 16.77
N TYR A 62 11.97 -1.95 17.14
CA TYR A 62 11.21 -3.13 16.74
C TYR A 62 10.52 -3.80 17.93
N PHE A 63 9.24 -4.08 17.76
CA PHE A 63 8.48 -4.81 18.77
C PHE A 63 7.75 -5.95 18.08
N ASN A 64 8.07 -7.17 18.51
CA ASN A 64 7.59 -8.37 17.84
C ASN A 64 6.77 -9.22 18.78
N TYR A 65 5.69 -9.78 18.26
CA TYR A 65 4.73 -10.52 19.08
C TYR A 65 4.36 -11.82 18.42
N GLY A 66 4.33 -12.88 19.21
CA GLY A 66 3.77 -14.15 18.77
C GLY A 66 4.56 -14.85 17.68
N VAL A 67 3.85 -15.53 16.79
CA VAL A 67 4.46 -16.49 15.88
C VAL A 67 4.10 -16.23 14.43
N ALA A 68 5.06 -16.52 13.55
CA ALA A 68 4.88 -16.36 12.12
C ALA A 68 4.15 -17.54 11.51
N ASN A 69 4.21 -18.67 12.19
CA ASN A 69 3.83 -19.94 11.64
C ASN A 69 3.44 -20.79 12.83
N ARG A 70 2.18 -21.16 12.91
CA ARG A 70 1.73 -21.96 14.03
C ARG A 70 2.19 -23.43 13.99
N GLU A 71 2.55 -23.94 12.82
CA GLU A 71 3.09 -25.31 12.70
C GLU A 71 4.50 -25.35 13.30
N SER A 72 5.37 -24.44 12.87
CA SER A 72 6.75 -24.35 13.38
C SER A 72 6.89 -23.68 14.74
N GLY A 73 5.88 -22.89 15.15
CA GLY A 73 5.98 -22.06 16.33
C GLY A 73 7.09 -21.03 16.25
N ALA A 74 7.59 -20.73 15.04
CA ALA A 74 8.67 -19.78 14.89
C ALA A 74 8.21 -18.37 15.23
N SER A 75 9.02 -17.67 16.02
CA SER A 75 8.73 -16.32 16.50
C SER A 75 8.77 -15.31 15.37
N VAL A 76 7.87 -14.34 15.43
CA VAL A 76 7.95 -13.17 14.58
C VAL A 76 9.20 -12.38 14.98
N SER A 77 9.95 -11.92 13.97
CA SER A 77 10.94 -10.87 14.15
C SER A 77 10.75 -9.76 13.10
N GLU A 78 11.55 -8.72 13.19
CA GLU A 78 11.50 -7.62 12.23
C GLU A 78 12.04 -8.03 10.83
N GLN A 79 12.56 -9.25 10.72
CA GLN A 79 12.95 -9.86 9.42
C GLN A 79 11.87 -10.81 8.84
N THR A 80 10.82 -11.11 9.60
CA THR A 80 9.72 -11.97 9.14
C THR A 80 9.00 -11.31 7.93
N LEU A 81 8.73 -12.09 6.88
CA LEU A 81 8.00 -11.59 5.72
C LEU A 81 6.50 -11.79 5.91
N PHE A 82 5.74 -10.71 5.77
CA PHE A 82 4.29 -10.73 5.78
C PHE A 82 3.77 -10.27 4.43
N GLU A 83 2.60 -10.77 4.05
CA GLU A 83 1.88 -10.18 2.94
C GLU A 83 1.30 -8.87 3.45
N ILE A 84 1.58 -7.79 2.73
CA ILE A 84 1.05 -6.48 3.13
C ILE A 84 -0.15 -6.00 2.32
N GLY A 85 -0.61 -6.85 1.40
CA GLY A 85 -1.85 -6.63 0.67
C GLY A 85 -1.77 -5.27 0.01
N SER A 86 -2.85 -4.49 0.15
CA SER A 86 -2.93 -3.19 -0.53
C SER A 86 -1.90 -2.12 -0.13
N VAL A 87 -1.08 -2.35 0.88
CA VAL A 87 0.01 -1.43 1.20
C VAL A 87 0.99 -1.47 0.02
N SER A 88 0.99 -2.60 -0.70
CA SER A 88 1.73 -2.72 -1.96
C SER A 88 1.54 -1.53 -2.91
N LYS A 89 0.34 -0.94 -2.89
CA LYS A 89 0.01 0.18 -3.77
C LYS A 89 0.90 1.42 -3.57
N THR A 90 1.46 1.59 -2.37
CA THR A 90 2.42 2.70 -2.14
C THR A 90 3.72 2.49 -2.89
N LEU A 91 4.13 1.22 -2.99
CA LEU A 91 5.35 0.86 -3.73
C LEU A 91 5.12 0.92 -5.23
N THR A 92 3.96 0.43 -5.68
CA THR A 92 3.56 0.52 -7.08
C THR A 92 3.44 1.98 -7.52
N ALA A 93 2.86 2.81 -6.67
CA ALA A 93 2.80 4.26 -6.91
C ALA A 93 4.16 4.90 -7.07
N THR A 94 5.12 4.46 -6.26
CA THR A 94 6.48 4.97 -6.28
C THR A 94 7.19 4.56 -7.58
N LEU A 95 6.88 3.35 -8.08
CA LEU A 95 7.37 2.96 -9.42
C LEU A 95 6.81 3.85 -10.51
N GLY A 96 5.50 4.07 -10.47
CA GLY A 96 4.85 5.01 -11.38
C GLY A 96 5.49 6.38 -11.34
N ALA A 97 5.67 6.92 -10.14
CA ALA A 97 6.35 8.21 -9.98
C ALA A 97 7.78 8.22 -10.50
N TYR A 98 8.50 7.12 -10.30
CA TYR A 98 9.84 6.97 -10.83
C TYR A 98 9.80 7.00 -12.37
N ALA A 99 8.85 6.30 -12.98
CA ALA A 99 8.67 6.36 -14.44
C ALA A 99 8.48 7.81 -14.91
N VAL A 100 7.72 8.61 -14.16
CA VAL A 100 7.49 10.02 -14.50
C VAL A 100 8.79 10.82 -14.41
N VAL A 101 9.51 10.64 -13.30
CA VAL A 101 10.78 11.34 -13.07
C VAL A 101 11.80 11.02 -14.17
N LYS A 102 11.78 9.79 -14.67
CA LYS A 102 12.71 9.35 -15.71
C LYS A 102 12.28 9.80 -17.11
N GLY A 103 11.09 10.37 -17.23
CA GLY A 103 10.58 10.87 -18.50
C GLY A 103 9.94 9.82 -19.38
N ALA A 104 9.74 8.61 -18.85
CA ALA A 104 9.09 7.54 -19.63
C ALA A 104 7.57 7.73 -19.75
N MET A 105 6.99 8.51 -18.85
CA MET A 105 5.56 8.81 -18.86
C MET A 105 5.22 10.06 -18.05
N GLN A 106 4.01 10.55 -18.23
CA GLN A 106 3.47 11.65 -17.44
C GLN A 106 2.10 11.22 -16.93
N LEU A 107 1.69 11.76 -15.78
CA LEU A 107 0.40 11.39 -15.18
C LEU A 107 -0.79 11.79 -16.04
N ASP A 108 -0.66 12.85 -16.85
CA ASP A 108 -1.74 13.23 -17.75
C ASP A 108 -1.72 12.51 -19.13
N ASP A 109 -0.77 11.61 -19.35
CA ASP A 109 -0.83 10.72 -20.52
C ASP A 109 -2.13 9.94 -20.52
N LYS A 110 -2.72 9.76 -21.69
CA LYS A 110 -3.83 8.84 -21.82
C LYS A 110 -3.24 7.43 -21.66
N ALA A 111 -4.00 6.56 -21.01
CA ALA A 111 -3.54 5.19 -20.68
C ALA A 111 -3.09 4.43 -21.94
N SER A 112 -3.85 4.57 -23.02
CA SER A 112 -3.59 3.84 -24.25
C SER A 112 -2.25 4.25 -24.92
N ARG A 113 -1.71 5.40 -24.53
CA ARG A 113 -0.36 5.79 -24.97
C ARG A 113 0.69 4.75 -24.57
N HIS A 114 0.48 4.10 -23.43
CA HIS A 114 1.39 3.09 -22.90
C HIS A 114 0.91 1.63 -23.04
N ALA A 115 -0.18 1.43 -23.76
CA ALA A 115 -0.74 0.11 -24.03
C ALA A 115 -1.41 0.13 -25.40
N PRO A 116 -0.68 -0.31 -26.45
CA PRO A 116 -1.33 -0.38 -27.75
C PRO A 116 -2.66 -1.14 -27.75
N TRP A 117 -2.78 -2.18 -26.94
CA TRP A 117 -4.03 -2.97 -26.89
C TRP A 117 -5.22 -2.25 -26.27
N LEU A 118 -4.99 -1.06 -25.70
CA LEU A 118 -6.10 -0.21 -25.23
C LEU A 118 -6.53 0.84 -26.27
N LYS A 119 -5.79 1.00 -27.36
CA LYS A 119 -6.22 1.92 -28.45
C LYS A 119 -7.60 1.53 -28.96
N GLY A 120 -8.45 2.52 -29.18
CA GLY A 120 -9.83 2.30 -29.57
C GLY A 120 -10.86 2.23 -28.46
N SER A 121 -10.42 2.14 -27.20
CA SER A 121 -11.32 1.97 -26.04
C SER A 121 -11.50 3.28 -25.32
N VAL A 122 -12.32 3.28 -24.26
CA VAL A 122 -12.45 4.45 -23.39
C VAL A 122 -11.13 4.86 -22.74
N PHE A 123 -10.11 4.00 -22.78
CA PHE A 123 -8.81 4.32 -22.19
C PHE A 123 -7.95 5.24 -23.06
N ASP A 124 -8.42 5.56 -24.27
CA ASP A 124 -7.97 6.73 -25.02
C ASP A 124 -8.26 8.04 -24.32
N SER A 125 -9.23 8.06 -23.39
CA SER A 125 -9.68 9.29 -22.76
C SER A 125 -9.59 9.26 -21.21
N ILE A 126 -8.86 8.30 -20.68
CA ILE A 126 -8.62 8.18 -19.23
C ILE A 126 -7.13 8.34 -19.05
N THR A 127 -6.73 9.09 -18.04
CA THR A 127 -5.30 9.35 -17.84
C THR A 127 -4.68 8.34 -16.91
N MET A 128 -3.36 8.27 -16.97
CA MET A 128 -2.59 7.48 -16.04
C MET A 128 -2.84 7.86 -14.58
N GLY A 129 -2.90 9.16 -14.29
CA GLY A 129 -3.12 9.67 -12.91
C GLY A 129 -4.48 9.24 -12.39
N GLU A 130 -5.46 9.21 -13.29
CA GLU A 130 -6.79 8.75 -12.93
C GLU A 130 -6.78 7.27 -12.57
N LEU A 131 -6.01 6.48 -13.31
CA LEU A 131 -5.83 5.05 -12.95
C LEU A 131 -5.18 4.95 -11.58
N ALA A 132 -4.13 5.74 -11.36
CA ALA A 132 -3.36 5.68 -10.12
C ALA A 132 -4.21 6.02 -8.92
N THR A 133 -5.15 6.97 -9.08
CA THR A 133 -5.98 7.49 -7.96
C THR A 133 -7.43 6.98 -7.96
N TYR A 134 -7.68 5.88 -8.69
CA TYR A 134 -8.97 5.19 -8.66
C TYR A 134 -10.13 6.07 -9.14
N SER A 135 -9.84 7.02 -10.02
CA SER A 135 -10.81 8.04 -10.42
C SER A 135 -11.16 8.00 -11.90
N ALA A 136 -10.91 6.87 -12.56
CA ALA A 136 -11.17 6.71 -14.00
C ALA A 136 -12.64 6.64 -14.37
N GLY A 137 -13.50 6.28 -13.42
CA GLY A 137 -14.94 6.23 -13.66
C GLY A 137 -15.64 4.97 -13.22
N GLY A 138 -15.22 4.39 -12.10
CA GLY A 138 -15.98 3.27 -11.53
C GLY A 138 -15.47 1.88 -11.88
N LEU A 139 -14.19 1.78 -12.26
CA LEU A 139 -13.54 0.46 -12.22
C LEU A 139 -13.80 -0.14 -10.83
N PRO A 140 -14.17 -1.43 -10.79
CA PRO A 140 -14.61 -2.02 -9.51
C PRO A 140 -13.45 -2.32 -8.56
N LEU A 141 -13.77 -2.69 -7.32
CA LEU A 141 -12.74 -3.06 -6.35
C LEU A 141 -11.87 -4.20 -6.88
N GLN A 142 -12.52 -5.25 -7.44
CA GLN A 142 -11.86 -6.48 -7.92
C GLN A 142 -12.24 -6.77 -9.38
N PHE A 143 -11.36 -7.44 -10.12
CA PHE A 143 -11.76 -8.03 -11.38
C PHE A 143 -12.90 -8.99 -11.11
N PRO A 144 -13.89 -9.09 -12.03
CA PRO A 144 -14.82 -10.22 -11.97
C PRO A 144 -14.05 -11.53 -11.88
N GLU A 145 -14.59 -12.50 -11.14
CA GLU A 145 -13.93 -13.78 -10.89
C GLU A 145 -13.52 -14.50 -12.19
N GLU A 146 -14.29 -14.30 -13.25
CA GLU A 146 -14.04 -14.93 -14.56
C GLU A 146 -12.79 -14.38 -15.24
N VAL A 147 -12.34 -13.20 -14.84
CA VAL A 147 -11.18 -12.57 -15.48
C VAL A 147 -9.92 -13.15 -14.83
N ASP A 148 -9.43 -14.26 -15.37
CA ASP A 148 -8.35 -15.00 -14.73
C ASP A 148 -7.19 -15.32 -15.67
N SER A 149 -7.07 -14.55 -16.74
CA SER A 149 -5.94 -14.70 -17.64
C SER A 149 -5.66 -13.38 -18.31
N SER A 150 -4.49 -13.31 -18.95
CA SER A 150 -4.09 -12.13 -19.68
C SER A 150 -5.10 -11.75 -20.77
N GLU A 151 -5.49 -12.75 -21.56
CA GLU A 151 -6.40 -12.51 -22.68
C GLU A 151 -7.76 -12.00 -22.18
N LYS A 152 -8.27 -12.64 -21.14
CA LYS A 152 -9.56 -12.22 -20.54
C LYS A 152 -9.46 -10.84 -19.89
N MET A 153 -8.31 -10.52 -19.30
CA MET A 153 -8.11 -9.21 -18.70
C MET A 153 -8.14 -8.10 -19.75
N ARG A 154 -7.41 -8.29 -20.85
CA ARG A 154 -7.39 -7.31 -21.92
C ARG A 154 -8.77 -7.09 -22.51
N ALA A 155 -9.52 -8.17 -22.75
CA ALA A 155 -10.92 -8.05 -23.16
C ALA A 155 -11.75 -7.35 -22.09
N TYR A 156 -11.54 -7.69 -20.83
CA TYR A 156 -12.27 -6.98 -19.74
C TYR A 156 -12.15 -5.45 -19.90
N TYR A 157 -10.92 -4.93 -19.98
CA TYR A 157 -10.73 -3.48 -20.04
C TYR A 157 -11.26 -2.88 -21.33
N ARG A 158 -11.09 -3.61 -22.44
CA ARG A 158 -11.55 -3.12 -23.74
C ARG A 158 -13.07 -2.97 -23.82
N GLN A 159 -13.81 -3.81 -23.10
CA GLN A 159 -15.28 -3.77 -23.08
C GLN A 159 -15.86 -2.92 -21.95
N TRP A 160 -14.99 -2.40 -21.08
CA TRP A 160 -15.47 -1.75 -19.86
C TRP A 160 -16.12 -0.39 -20.15
N ALA A 161 -17.28 -0.17 -19.55
CA ALA A 161 -18.09 1.04 -19.77
C ALA A 161 -18.05 1.91 -18.50
N PRO A 162 -17.59 3.16 -18.60
CA PRO A 162 -17.51 4.00 -17.41
C PRO A 162 -18.88 4.28 -16.79
N VAL A 163 -18.91 4.32 -15.47
CA VAL A 163 -20.12 4.62 -14.70
C VAL A 163 -20.18 6.11 -14.40
N TYR A 164 -19.01 6.73 -14.21
CA TYR A 164 -18.90 8.14 -13.90
C TYR A 164 -17.94 8.76 -14.88
N SER A 165 -18.04 10.07 -15.07
CA SER A 165 -17.07 10.79 -15.88
C SER A 165 -15.69 10.70 -15.23
N PRO A 166 -14.62 10.62 -16.05
CA PRO A 166 -13.25 10.56 -15.52
C PRO A 166 -12.95 11.70 -14.57
N GLY A 167 -12.39 11.35 -13.42
CA GLY A 167 -11.98 12.32 -12.42
C GLY A 167 -13.04 12.68 -11.41
N SER A 168 -14.30 12.35 -11.69
CA SER A 168 -15.41 12.84 -10.84
C SER A 168 -15.67 12.03 -9.57
N HIS A 169 -15.37 10.73 -9.57
CA HIS A 169 -15.62 9.86 -8.41
C HIS A 169 -14.42 8.96 -8.11
N ARG A 170 -14.15 8.77 -6.83
CA ARG A 170 -13.19 7.77 -6.36
C ARG A 170 -13.91 6.46 -6.07
N GLN A 171 -13.43 5.37 -6.69
CA GLN A 171 -13.90 4.02 -6.39
C GLN A 171 -12.63 3.18 -6.26
N TYR A 172 -12.31 2.86 -5.01
CA TYR A 172 -11.06 2.16 -4.73
C TYR A 172 -11.06 0.87 -5.52
N SER A 173 -9.96 0.63 -6.25
CA SER A 173 -9.96 -0.37 -7.31
C SER A 173 -8.59 -1.00 -7.58
N ASN A 174 -8.53 -2.32 -7.45
CA ASN A 174 -7.36 -3.08 -7.88
C ASN A 174 -7.08 -3.04 -9.39
N PRO A 175 -8.10 -3.29 -10.23
CA PRO A 175 -7.86 -3.11 -11.67
C PRO A 175 -7.36 -1.72 -12.06
N SER A 176 -7.82 -0.68 -11.35
CA SER A 176 -7.37 0.68 -11.64
C SER A 176 -5.87 0.88 -11.39
N ILE A 177 -5.42 0.73 -10.15
CA ILE A 177 -4.01 0.95 -9.87
C ILE A 177 -3.12 -0.18 -10.44
N GLY A 178 -3.68 -1.38 -10.54
CA GLY A 178 -2.97 -2.52 -11.15
C GLY A 178 -2.55 -2.18 -12.56
N LEU A 179 -3.51 -1.69 -13.33
CA LEU A 179 -3.19 -1.22 -14.66
C LEU A 179 -2.18 -0.09 -14.69
N PHE A 180 -2.32 0.90 -13.81
CA PHE A 180 -1.36 2.00 -13.74
C PHE A 180 0.07 1.48 -13.55
N GLY A 181 0.24 0.54 -12.61
CA GLY A 181 1.55 -0.03 -12.34
C GLY A 181 2.08 -0.84 -13.50
N HIS A 182 1.20 -1.61 -14.11
CA HIS A 182 1.54 -2.44 -15.26
C HIS A 182 2.02 -1.59 -16.43
N LEU A 183 1.31 -0.51 -16.72
CA LEU A 183 1.71 0.41 -17.81
C LEU A 183 2.95 1.26 -17.47
N ALA A 184 3.15 1.58 -16.20
CA ALA A 184 4.37 2.25 -15.75
C ALA A 184 5.58 1.38 -16.03
N ALA A 185 5.47 0.09 -15.74
CA ALA A 185 6.59 -0.82 -15.99
C ALA A 185 6.85 -0.90 -17.48
N SER A 186 5.79 -1.08 -18.25
CA SER A 186 5.86 -1.11 -19.73
C SER A 186 6.50 0.15 -20.31
N SER A 187 6.19 1.30 -19.71
CA SER A 187 6.84 2.56 -20.11
C SER A 187 8.34 2.50 -19.88
N LEU A 188 8.78 1.74 -18.87
CA LEU A 188 10.21 1.58 -18.58
C LEU A 188 10.87 0.39 -19.31
N LYS A 189 10.08 -0.33 -20.13
CA LYS A 189 10.53 -1.44 -20.97
C LYS A 189 11.08 -2.62 -20.17
N GLN A 190 10.49 -2.88 -19.01
CA GLN A 190 10.91 -3.99 -18.16
C GLN A 190 9.69 -4.59 -17.47
N PRO A 191 9.71 -5.91 -17.21
CA PRO A 191 8.61 -6.48 -16.43
C PRO A 191 8.53 -5.83 -15.03
N PHE A 192 7.31 -5.71 -14.50
CA PHE A 192 7.08 -5.12 -13.20
C PHE A 192 7.88 -5.78 -12.06
N ALA A 193 7.83 -7.10 -11.94
CA ALA A 193 8.52 -7.80 -10.85
C ALA A 193 10.02 -7.53 -10.89
N GLN A 194 10.60 -7.51 -12.09
CA GLN A 194 12.02 -7.24 -12.27
C GLN A 194 12.39 -5.81 -11.87
N LEU A 195 11.65 -4.82 -12.37
CA LEU A 195 11.88 -3.45 -11.98
C LEU A 195 11.83 -3.26 -10.46
N MET A 196 10.84 -3.88 -9.83
CA MET A 196 10.68 -3.73 -8.40
C MET A 196 11.84 -4.39 -7.66
N GLU A 197 12.07 -5.66 -7.95
CA GLU A 197 13.06 -6.43 -7.20
C GLU A 197 14.51 -6.08 -7.52
N GLN A 198 14.79 -5.60 -8.72
CA GLN A 198 16.20 -5.37 -9.15
C GLN A 198 16.63 -3.90 -9.08
N THR A 199 15.66 -2.98 -9.11
CA THR A 199 15.94 -1.55 -9.20
C THR A 199 15.29 -0.74 -8.07
N LEU A 200 13.98 -0.71 -8.03
CA LEU A 200 13.28 0.18 -7.12
C LEU A 200 13.49 -0.16 -5.67
N LEU A 201 13.16 -1.39 -5.31
CA LEU A 201 13.15 -1.76 -3.90
C LEU A 201 14.58 -1.71 -3.30
N PRO A 202 15.59 -2.26 -4.02
CA PRO A 202 16.95 -2.10 -3.48
C PRO A 202 17.41 -0.66 -3.48
N GLY A 203 16.93 0.13 -4.45
CA GLY A 203 17.15 1.58 -4.43
C GLY A 203 16.61 2.23 -3.18
N LEU A 204 15.47 1.75 -2.69
CA LEU A 204 14.84 2.26 -1.45
C LEU A 204 15.45 1.73 -0.15
N GLY A 205 16.40 0.82 -0.26
CA GLY A 205 17.01 0.16 0.87
C GLY A 205 16.19 -1.05 1.31
N MET A 206 15.38 -1.60 0.41
CA MET A 206 14.48 -2.70 0.73
C MET A 206 14.93 -3.94 -0.03
N HIS A 207 15.79 -4.73 0.62
CA HIS A 207 16.42 -5.93 0.03
C HIS A 207 15.74 -7.24 0.39
N HIS A 208 14.73 -7.17 1.25
CA HIS A 208 13.93 -8.33 1.59
C HIS A 208 12.44 -8.05 1.34
N THR A 209 12.17 -7.43 0.19
CA THR A 209 10.84 -7.07 -0.21
C THR A 209 10.65 -7.68 -1.59
N TYR A 210 9.63 -8.53 -1.72
CA TYR A 210 9.46 -9.35 -2.91
C TYR A 210 8.03 -9.35 -3.42
N VAL A 211 7.91 -9.46 -4.73
CA VAL A 211 6.69 -9.95 -5.35
C VAL A 211 6.72 -11.49 -5.44
N ASN A 212 7.90 -12.06 -5.70
CA ASN A 212 8.11 -13.51 -5.70
C ASN A 212 9.17 -13.80 -4.65
N VAL A 213 8.76 -14.50 -3.60
CA VAL A 213 9.67 -14.79 -2.49
C VAL A 213 10.65 -15.89 -2.93
N PRO A 214 11.94 -15.59 -2.89
CA PRO A 214 12.93 -16.55 -3.38
C PRO A 214 13.16 -17.68 -2.40
N LYS A 215 13.68 -18.80 -2.92
CA LYS A 215 13.87 -20.00 -2.10
C LYS A 215 14.53 -19.68 -0.76
N GLN A 216 15.60 -18.90 -0.81
CA GLN A 216 16.38 -18.64 0.39
C GLN A 216 15.64 -17.81 1.45
N ALA A 217 14.52 -17.19 1.07
CA ALA A 217 13.72 -16.36 1.98
C ALA A 217 12.47 -17.06 2.50
N MET A 218 12.16 -18.24 1.96
CA MET A 218 10.95 -18.95 2.33
C MET A 218 10.80 -19.28 3.81
N ALA A 219 11.91 -19.63 4.48
CA ALA A 219 11.85 -19.94 5.89
C ALA A 219 11.53 -18.73 6.78
N SER A 220 11.65 -17.52 6.27
CA SER A 220 11.27 -16.30 7.00
C SER A 220 9.83 -15.83 6.68
N TYR A 221 9.16 -16.55 5.76
CA TYR A 221 7.87 -16.14 5.21
C TYR A 221 6.75 -16.65 6.10
N ALA A 222 6.06 -15.71 6.74
CA ALA A 222 4.90 -16.06 7.56
C ALA A 222 3.75 -16.70 6.77
N TYR A 223 2.94 -17.48 7.47
CA TYR A 223 1.63 -17.88 6.95
C TYR A 223 0.55 -16.93 7.47
N GLY A 224 -0.44 -16.65 6.64
CA GLY A 224 -1.63 -15.91 7.05
C GLY A 224 -2.59 -16.88 7.70
N TYR A 225 -3.48 -16.38 8.54
CA TYR A 225 -4.45 -17.24 9.22
C TYR A 225 -5.85 -16.71 9.01
N SER A 226 -6.67 -17.51 8.34
CA SER A 226 -8.06 -17.16 8.04
C SER A 226 -8.84 -17.10 9.35
N LYS A 227 -10.10 -16.67 9.30
CA LYS A 227 -10.93 -16.67 10.51
C LYS A 227 -11.13 -18.07 11.12
N GLU A 228 -11.03 -19.10 10.30
CA GLU A 228 -11.13 -20.48 10.79
C GLU A 228 -9.77 -21.05 11.19
N ASP A 229 -8.79 -20.17 11.43
CA ASP A 229 -7.41 -20.57 11.74
C ASP A 229 -6.75 -21.50 10.76
N LYS A 230 -7.07 -21.37 9.48
CA LYS A 230 -6.41 -22.15 8.45
C LYS A 230 -5.25 -21.35 7.88
N PRO A 231 -4.07 -21.99 7.72
CA PRO A 231 -2.94 -21.27 7.14
C PRO A 231 -3.20 -21.01 5.67
N ILE A 232 -2.95 -19.78 5.21
CA ILE A 232 -3.17 -19.44 3.81
C ILE A 232 -2.10 -18.48 3.27
N ARG A 233 -1.88 -18.55 1.97
CA ARG A 233 -1.02 -17.60 1.28
C ARG A 233 -1.71 -17.07 0.02
N VAL A 234 -1.38 -15.84 -0.37
CA VAL A 234 -2.01 -15.14 -1.50
C VAL A 234 -2.58 -16.11 -2.55
N GLY A 237 -4.17 -13.76 -8.84
CA GLY A 237 -5.15 -12.95 -9.57
C GLY A 237 -4.43 -12.09 -10.59
N MET A 238 -5.17 -11.50 -11.53
CA MET A 238 -4.55 -10.67 -12.55
C MET A 238 -4.10 -9.35 -11.91
N LEU A 239 -2.88 -8.94 -12.25
CA LEU A 239 -2.22 -7.76 -11.66
C LEU A 239 -2.14 -7.76 -10.13
N ALA A 240 -2.01 -8.96 -9.56
CA ALA A 240 -1.83 -9.14 -8.13
C ALA A 240 -0.56 -8.41 -7.67
N ASP A 241 0.50 -8.56 -8.46
CA ASP A 241 1.81 -8.01 -8.12
C ASP A 241 1.67 -6.53 -7.89
N GLU A 242 1.04 -5.86 -8.83
CA GLU A 242 0.88 -4.42 -8.82
C GLU A 242 -0.10 -3.93 -7.78
N ALA A 243 -1.18 -4.66 -7.53
CA ALA A 243 -2.23 -4.15 -6.66
C ALA A 243 -2.11 -4.57 -5.21
N TYR A 244 -1.55 -5.73 -4.93
CA TYR A 244 -1.52 -6.19 -3.55
C TYR A 244 -0.55 -7.33 -3.24
N GLY A 245 0.51 -7.49 -4.02
CA GLY A 245 1.29 -8.71 -3.98
C GLY A 245 2.60 -8.71 -3.21
N ILE A 246 2.96 -7.59 -2.58
CA ILE A 246 4.26 -7.47 -1.90
C ILE A 246 4.34 -8.27 -0.60
N LYS A 247 5.45 -8.98 -0.44
CA LYS A 247 5.85 -9.63 0.82
C LYS A 247 7.05 -8.82 1.34
N THR A 248 7.00 -8.41 2.61
CA THR A 248 8.07 -7.60 3.16
C THR A 248 8.06 -7.73 4.66
N SER A 249 9.15 -7.24 5.27
CA SER A 249 9.32 -7.25 6.71
C SER A 249 9.04 -5.88 7.31
N SER A 250 8.83 -5.86 8.62
CA SER A 250 8.69 -4.56 9.31
C SER A 250 9.97 -3.70 9.14
N ALA A 251 11.15 -4.32 9.16
CA ALA A 251 12.41 -3.56 8.97
C ALA A 251 12.45 -2.92 7.60
N ASP A 252 12.06 -3.66 6.56
CA ASP A 252 12.09 -3.10 5.21
C ASP A 252 11.05 -2.00 5.05
N LEU A 253 9.86 -2.22 5.62
CA LEU A 253 8.80 -1.24 5.49
C LEU A 253 9.12 0.04 6.26
N LEU A 254 9.74 -0.09 7.44
CA LEU A 254 10.21 1.08 8.17
C LEU A 254 11.33 1.81 7.40
N ALA A 255 12.18 1.08 6.69
CA ALA A 255 13.15 1.74 5.79
C ALA A 255 12.44 2.56 4.70
N PHE A 256 11.33 2.06 4.18
CA PHE A 256 10.52 2.81 3.18
C PHE A 256 9.91 4.04 3.83
N VAL A 257 9.41 3.89 5.06
CA VAL A 257 8.95 5.07 5.82
C VAL A 257 10.06 6.10 5.99
N LYS A 258 11.24 5.67 6.44
CA LYS A 258 12.41 6.55 6.54
C LYS A 258 12.69 7.28 5.24
N ALA A 259 12.60 6.56 4.14
CA ALA A 259 12.82 7.15 2.81
C ALA A 259 11.75 8.21 2.50
N ASN A 260 10.55 8.00 3.02
CA ASN A 260 9.47 8.98 2.89
C ASN A 260 9.56 10.19 3.86
N ILE A 261 10.52 10.16 4.76
CA ILE A 261 10.77 11.24 5.71
C ILE A 261 12.16 11.84 5.46
N GLY A 262 13.21 11.06 5.73
CA GLY A 262 14.57 11.55 5.61
C GLY A 262 15.08 11.52 4.18
N GLY A 263 14.51 10.65 3.35
CA GLY A 263 14.85 10.59 1.94
C GLY A 263 15.81 9.48 1.59
N VAL A 264 16.32 9.50 0.38
CA VAL A 264 17.24 8.47 -0.10
C VAL A 264 18.35 9.13 -0.89
N ASP A 265 19.38 8.35 -1.19
CA ASP A 265 20.57 8.85 -1.86
C ASP A 265 20.33 9.17 -3.34
N ASP A 266 19.68 8.28 -4.07
CA ASP A 266 19.43 8.47 -5.51
C ASP A 266 18.44 9.65 -5.73
N LYS A 267 18.86 10.59 -6.58
CA LYS A 267 18.08 11.80 -6.84
C LYS A 267 16.72 11.48 -7.48
N ALA A 268 16.73 10.60 -8.46
CA ALA A 268 15.51 10.25 -9.17
C ALA A 268 14.50 9.61 -8.21
N LEU A 269 14.98 8.76 -7.33
CA LEU A 269 14.12 8.11 -6.33
C LEU A 269 13.57 9.07 -5.30
N GLN A 270 14.38 10.05 -4.90
CA GLN A 270 13.93 11.09 -4.01
C GLN A 270 12.77 11.88 -4.62
N GLN A 271 12.96 12.31 -5.86
CA GLN A 271 11.90 13.05 -6.54
C GLN A 271 10.66 12.16 -6.72
N ALA A 272 10.89 10.88 -6.99
CA ALA A 272 9.78 9.91 -7.11
C ALA A 272 8.96 9.89 -5.82
N ILE A 273 9.65 9.74 -4.70
CA ILE A 273 8.98 9.68 -3.42
C ILE A 273 8.16 10.95 -3.18
N SER A 274 8.74 12.10 -3.50
CA SER A 274 8.04 13.38 -3.31
C SER A 274 6.75 13.48 -4.12
N LEU A 275 6.75 12.96 -5.33
CA LEU A 275 5.56 12.98 -6.16
C LEU A 275 4.43 12.17 -5.54
N THR A 276 4.75 11.13 -4.74
CA THR A 276 3.72 10.33 -4.08
C THR A 276 3.08 11.05 -2.90
N HIS A 277 3.61 12.22 -2.52
CA HIS A 277 3.06 13.02 -1.41
C HIS A 277 2.07 14.08 -1.84
N LYS A 278 2.01 14.40 -3.13
CA LYS A 278 1.15 15.47 -3.61
C LYS A 278 -0.31 15.04 -3.62
N GLY A 279 -1.18 15.91 -3.10
CA GLY A 279 -2.60 15.58 -3.05
C GLY A 279 -3.25 15.86 -4.38
N HIS A 280 -4.08 14.91 -4.84
CA HIS A 280 -4.78 15.09 -6.12
C HIS A 280 -6.21 15.58 -5.93
N TYR A 281 -6.89 15.03 -4.93
CA TYR A 281 -8.26 15.42 -4.64
C TYR A 281 -8.54 14.90 -3.23
N SER A 282 -9.68 15.28 -2.66
CA SER A 282 -10.04 14.85 -1.32
C SER A 282 -11.38 14.15 -1.33
N VAL A 283 -11.56 13.27 -0.35
CA VAL A 283 -12.84 12.66 0.00
C VAL A 283 -12.99 12.88 1.51
N GLY A 284 -13.90 13.76 1.90
CA GLY A 284 -13.96 14.22 3.30
C GLY A 284 -12.62 14.80 3.71
N GLY A 285 -12.14 14.42 4.89
CA GLY A 285 -10.84 14.87 5.39
C GLY A 285 -9.62 14.10 4.87
N MET A 286 -9.82 13.15 3.95
CA MET A 286 -8.73 12.38 3.35
C MET A 286 -8.32 12.97 2.01
N THR A 287 -7.03 13.02 1.77
CA THR A 287 -6.54 13.49 0.48
C THR A 287 -5.80 12.35 -0.21
N GLN A 288 -6.20 12.10 -1.45
CA GLN A 288 -5.65 11.00 -2.23
C GLN A 288 -4.46 11.47 -3.04
N GLY A 289 -3.32 10.84 -2.80
CA GLY A 289 -2.19 10.94 -3.74
C GLY A 289 -1.93 9.66 -4.48
N LEU A 290 -0.71 9.50 -4.96
CA LEU A 290 -0.29 8.26 -5.60
C LEU A 290 0.06 7.30 -4.46
N GLY A 291 -0.81 6.32 -4.22
CA GLY A 291 -0.60 5.31 -3.22
C GLY A 291 -0.97 5.77 -1.83
N TRP A 292 -0.21 6.72 -1.31
CA TRP A 292 -0.46 7.25 0.03
C TRP A 292 -1.76 8.07 0.10
N GLU A 293 -2.46 7.95 1.22
CA GLU A 293 -3.60 8.77 1.53
C GLU A 293 -3.20 9.65 2.70
N SER A 294 -3.54 10.94 2.66
CA SER A 294 -3.00 11.91 3.62
C SER A 294 -4.06 12.75 4.35
N TYR A 295 -3.67 13.25 5.52
CA TYR A 295 -4.54 13.98 6.44
C TYR A 295 -3.74 15.12 7.05
N ALA A 296 -4.39 16.24 7.32
CA ALA A 296 -3.82 17.25 8.22
C ALA A 296 -3.49 16.59 9.57
N TYR A 297 -2.28 16.85 10.10
CA TYR A 297 -1.84 16.33 11.41
C TYR A 297 -1.63 17.53 12.37
N PRO A 298 -1.95 17.36 13.68
CA PRO A 298 -2.63 16.23 14.31
C PRO A 298 -3.98 15.91 13.66
N VAL A 299 -4.36 14.64 13.72
CA VAL A 299 -5.55 14.15 13.06
C VAL A 299 -6.40 13.49 14.13
N THR A 300 -7.69 13.81 14.16
CA THR A 300 -8.57 13.18 15.13
C THR A 300 -8.74 11.71 14.78
N GLU A 301 -9.01 10.90 15.80
CA GLU A 301 -9.31 9.52 15.55
C GLU A 301 -10.50 9.40 14.60
N GLN A 302 -11.49 10.28 14.79
CA GLN A 302 -12.69 10.28 13.98
C GLN A 302 -12.42 10.55 12.51
N THR A 303 -11.61 11.57 12.22
CA THR A 303 -11.23 11.85 10.83
C THR A 303 -10.45 10.68 10.19
N LEU A 304 -9.50 10.13 10.92
CA LEU A 304 -8.72 8.99 10.39
C LEU A 304 -9.59 7.70 10.18
N LEU A 305 -10.54 7.46 11.08
CA LEU A 305 -11.46 6.34 10.94
C LEU A 305 -12.37 6.54 9.73
N ALA A 306 -12.87 7.77 9.56
CA ALA A 306 -13.77 8.05 8.44
C ALA A 306 -13.12 7.88 7.05
N GLY A 307 -11.89 8.36 6.90
CA GLY A 307 -11.16 8.22 5.63
C GLY A 307 -10.75 6.78 5.34
N ASN A 308 -10.69 5.96 6.38
CA ASN A 308 -10.47 4.52 6.24
C ASN A 308 -11.74 3.69 6.45
N SER A 309 -12.92 4.29 6.27
CA SER A 309 -14.18 3.63 6.59
C SER A 309 -14.64 2.75 5.44
N ALA A 310 -15.62 1.89 5.71
CA ALA A 310 -16.23 1.06 4.70
C ALA A 310 -16.83 1.91 3.57
N LYS A 311 -17.41 3.04 3.93
CA LYS A 311 -17.97 3.96 2.95
C LYS A 311 -16.92 4.43 1.93
N VAL A 312 -15.74 4.78 2.41
CA VAL A 312 -14.68 5.26 1.52
C VAL A 312 -14.03 4.10 0.74
N ILE A 313 -13.87 2.94 1.37
CA ILE A 313 -13.22 1.79 0.74
C ILE A 313 -14.12 1.16 -0.34
N LEU A 314 -15.43 1.06 -0.05
CA LEU A 314 -16.32 0.21 -0.85
C LEU A 314 -17.26 0.94 -1.80
N GLU A 315 -17.53 2.21 -1.57
CA GLU A 315 -18.48 2.95 -2.43
C GLU A 315 -17.75 3.97 -3.28
N ALA A 316 -18.40 4.40 -4.36
CA ALA A 316 -17.92 5.56 -5.11
C ALA A 316 -18.22 6.81 -4.30
N ASN A 317 -17.24 7.70 -4.23
CA ASN A 317 -17.41 8.97 -3.55
C ASN A 317 -16.94 10.05 -4.51
N PRO A 318 -17.69 11.17 -4.58
CA PRO A 318 -17.27 12.26 -5.44
C PRO A 318 -15.95 12.86 -5.01
N THR A 319 -15.15 13.27 -5.97
CA THR A 319 -13.87 13.89 -5.67
C THR A 319 -14.11 15.37 -5.34
N ALA A 320 -13.35 15.91 -4.39
CA ALA A 320 -13.41 17.35 -4.07
C ALA A 320 -12.00 17.92 -4.12
N ALA A 321 -11.87 19.24 -4.09
CA ALA A 321 -10.55 19.86 -4.16
C ALA A 321 -9.63 19.38 -3.03
N PRO A 322 -8.32 19.24 -3.28
CA PRO A 322 -7.39 18.71 -2.27
C PRO A 322 -7.18 19.65 -1.07
N ARG A 323 -6.70 19.08 0.05
CA ARG A 323 -6.48 19.79 1.35
C ARG A 323 -6.13 21.29 1.25
N GLN A 328 1.33 20.35 8.91
CA GLN A 328 1.88 19.02 9.11
C GLN A 328 0.94 18.02 8.45
N VAL A 329 1.49 16.89 7.98
CA VAL A 329 0.70 15.93 7.20
C VAL A 329 1.01 14.49 7.61
N LEU A 330 -0.04 13.71 7.82
CA LEU A 330 0.10 12.28 8.09
C LEU A 330 -0.29 11.54 6.83
N PHE A 331 0.51 10.53 6.51
CA PHE A 331 0.31 9.70 5.34
C PHE A 331 0.05 8.32 5.87
N ASN A 332 -0.87 7.59 5.23
CA ASN A 332 -1.12 6.19 5.60
C ASN A 332 -1.57 5.31 4.44
N LYS A 333 -1.54 4.00 4.71
CA LYS A 333 -2.16 3.02 3.81
C LYS A 333 -2.47 1.75 4.60
N THR A 334 -3.68 1.23 4.40
CA THR A 334 -4.09 -0.08 4.91
C THR A 334 -3.87 -1.18 3.86
N GLY A 335 -3.72 -2.40 4.35
CA GLY A 335 -3.67 -3.58 3.47
C GLY A 335 -4.24 -4.81 4.17
N SER A 336 -5.07 -5.56 3.46
CA SER A 336 -5.79 -6.67 4.07
C SER A 336 -5.93 -7.79 3.05
N SER A 337 -5.15 -8.85 3.20
CA SER A 337 -5.30 -10.04 2.36
C SER A 337 -5.98 -11.10 3.18
N ASN A 338 -6.20 -12.28 2.62
CA ASN A 338 -6.78 -13.27 3.48
C ASN A 338 -5.70 -13.83 4.39
N GLY A 339 -5.98 -13.71 5.68
CA GLY A 339 -5.03 -14.11 6.68
C GLY A 339 -4.03 -13.05 7.06
N PHE A 340 -4.01 -11.89 6.40
CA PHE A 340 -3.07 -10.84 6.78
C PHE A 340 -3.75 -9.45 6.92
N GLY A 341 -3.18 -8.65 7.82
CA GLY A 341 -3.65 -7.30 8.08
C GLY A 341 -2.47 -6.37 8.36
N ALA A 342 -2.34 -5.35 7.53
CA ALA A 342 -1.19 -4.44 7.58
C ALA A 342 -1.63 -3.00 7.68
N TYR A 343 -0.79 -2.18 8.31
CA TYR A 343 -1.03 -0.76 8.36
C TYR A 343 0.30 0.00 8.49
N VAL A 344 0.39 1.12 7.78
CA VAL A 344 1.53 2.01 7.88
C VAL A 344 1.04 3.45 7.95
N ALA A 345 1.62 4.24 8.84
CA ALA A 345 1.27 5.65 8.97
C ALA A 345 2.52 6.39 9.41
N PHE A 346 2.71 7.59 8.89
CA PHE A 346 3.88 8.38 9.30
C PHE A 346 3.63 9.87 9.08
N VAL A 347 4.45 10.68 9.78
CA VAL A 347 4.28 12.13 9.80
C VAL A 347 5.67 12.73 9.60
N PRO A 348 6.03 13.11 8.35
CA PRO A 348 7.36 13.61 8.06
C PRO A 348 7.77 14.82 8.87
N ALA A 349 6.86 15.76 9.10
CA ALA A 349 7.20 16.98 9.85
C ALA A 349 7.63 16.67 11.29
N ARG A 350 7.15 15.55 11.86
CA ARG A 350 7.53 15.15 13.22
C ARG A 350 8.56 14.00 13.29
N GLY A 351 8.97 13.46 12.15
CA GLY A 351 9.98 12.42 12.10
C GLY A 351 9.52 11.13 12.77
N ILE A 352 8.20 10.86 12.76
CA ILE A 352 7.61 9.70 13.43
C ILE A 352 6.83 8.81 12.43
N GLY A 353 6.79 7.52 12.71
CA GLY A 353 6.15 6.59 11.80
C GLY A 353 5.96 5.27 12.46
N ILE A 354 4.97 4.53 11.99
CA ILE A 354 4.68 3.21 12.53
C ILE A 354 4.29 2.24 11.41
N VAL A 355 4.75 1.00 11.57
CA VAL A 355 4.39 -0.12 10.72
C VAL A 355 3.84 -1.22 11.60
N MET A 356 2.71 -1.79 11.20
CA MET A 356 2.08 -2.89 11.92
C MET A 356 1.70 -3.98 10.93
N LEU A 357 2.38 -5.13 11.02
CA LEU A 357 2.12 -6.27 10.13
C LEU A 357 1.68 -7.48 10.92
N ALA A 358 0.50 -8.00 10.59
CA ALA A 358 -0.04 -9.19 11.25
C ALA A 358 -0.45 -10.26 10.26
N ASN A 359 -0.45 -11.49 10.77
CA ASN A 359 -0.98 -12.63 10.05
C ASN A 359 -2.39 -13.01 10.49
N ARG A 360 -3.20 -12.00 10.79
CA ARG A 360 -4.65 -12.10 10.86
C ARG A 360 -5.22 -10.86 10.16
N ASN A 361 -6.24 -11.03 9.33
CA ASN A 361 -6.98 -9.86 8.79
C ASN A 361 -7.99 -9.33 9.83
N TYR A 362 -7.50 -8.48 10.73
CA TYR A 362 -8.29 -7.93 11.83
C TYR A 362 -8.77 -6.54 11.41
N PRO A 363 -9.86 -6.04 12.00
CA PRO A 363 -10.50 -4.85 11.44
C PRO A 363 -9.65 -3.58 11.38
N ILE A 364 -9.80 -2.88 10.26
CA ILE A 364 -9.13 -1.64 10.01
C ILE A 364 -9.32 -0.63 11.17
N PRO A 365 -10.56 -0.45 11.69
CA PRO A 365 -10.68 0.52 12.80
C PRO A 365 -9.75 0.23 13.99
N ALA A 366 -9.53 -1.04 14.31
CA ALA A 366 -8.60 -1.40 15.41
C ALA A 366 -7.15 -0.96 15.11
N ARG A 367 -6.75 -1.11 13.84
CA ARG A 367 -5.42 -0.71 13.39
C ARG A 367 -5.24 0.79 13.52
N VAL A 368 -6.21 1.54 12.98
CA VAL A 368 -6.22 3.02 13.00
C VAL A 368 -6.13 3.58 14.41
N LYS A 369 -6.99 3.11 15.29
CA LYS A 369 -7.00 3.52 16.71
C LYS A 369 -5.65 3.27 17.42
N ALA A 370 -5.08 2.08 17.26
CA ALA A 370 -3.82 1.75 17.91
C ALA A 370 -2.68 2.60 17.38
N ALA A 371 -2.63 2.79 16.06
CA ALA A 371 -1.63 3.64 15.43
C ALA A 371 -1.76 5.08 15.87
N HIS A 372 -2.98 5.60 15.86
CA HIS A 372 -3.20 6.97 16.29
C HIS A 372 -2.74 7.20 17.74
N ALA A 373 -3.08 6.29 18.63
CA ALA A 373 -2.64 6.37 20.03
C ALA A 373 -1.10 6.33 20.16
N ILE A 374 -0.44 5.42 19.45
CA ILE A 374 1.01 5.32 19.54
C ILE A 374 1.68 6.56 18.97
N LEU A 375 1.27 7.00 17.78
CA LEU A 375 1.87 8.19 17.19
C LEU A 375 1.66 9.46 18.07
N ALA A 376 0.51 9.56 18.72
CA ALA A 376 0.25 10.72 19.59
C ALA A 376 1.26 10.74 20.75
N GLN A 377 1.56 9.56 21.32
CA GLN A 377 2.57 9.46 22.37
C GLN A 377 3.99 9.76 21.86
N LEU A 378 4.32 9.30 20.66
CA LEU A 378 5.62 9.64 20.04
C LEU A 378 5.75 11.13 19.71
N ALA A 379 4.63 11.73 19.30
CA ALA A 379 4.63 13.15 18.92
C ALA A 379 4.82 14.09 20.12
N GLY A 380 4.39 13.68 21.31
CA GLY A 380 4.65 14.43 22.55
C GLY A 380 3.99 15.80 22.53
C7 AZR B . -9.74 -3.75 -0.19
S8 AZR B . -5.15 -10.78 -2.13
O9 AZR B . -5.51 -4.87 0.81
O10 AZR B . -7.94 -6.68 -2.71
O11 AZR B . -10.28 -7.78 -0.22
N12 AZR B . -7.64 -2.73 0.73
N13 AZR B . -7.62 -6.14 -0.54
N14 AZR B . -9.35 -8.60 -0.55
N15 AZR B . -7.54 -10.74 -1.07
N16 AZR B . -6.54 -12.89 -1.14
S17 AZR B . -7.87 -2.21 2.18
C18 AZR B . -8.33 -3.98 0.35
C19 AZR B . -7.39 -4.70 -0.63
C20 AZR B . -6.08 -4.27 -0.11
C21 AZR B . -7.92 -6.98 -1.53
C22 AZR B . -8.26 -8.34 -1.15
C23 AZR B . -11.50 -8.20 0.44
C24 AZR B . -7.30 -9.44 -1.42
C25 AZR B . -6.04 -9.28 -1.99
C26 AZR B . -6.51 -11.55 -1.39
C27 AZR B . -11.19 -8.83 1.81
C28 AZR B . -12.39 -6.96 0.64
C29 AZR B . -12.24 -9.20 -0.47
O30 AZR B . -12.78 -8.75 -1.51
O31 AZR B . -12.27 -10.43 -0.20
O32 AZR B . -7.51 -0.83 2.26
O33 AZR B . -9.47 -2.37 2.54
O34 AZR B . -7.14 -3.02 3.12
ZN ZN C . -11.41 -10.07 15.09
ZN ZN D . -4.35 -11.06 -26.54
ZN ZN E . -15.60 -18.12 7.29
ZN ZN F . -4.42 13.78 -10.40
ZN ZN G . 1.07 -6.41 -20.20
ZN ZN H . -21.94 10.62 -7.20
ZN ZN I . 25.08 11.66 -3.63
C ACT J . -5.36 -8.51 -27.11
O ACT J . -4.19 -8.29 -27.38
OXT ACT J . -5.71 -9.57 -26.57
CH3 ACT J . -6.37 -7.44 -27.44
C ACT K . 1.55 -4.00 -21.43
O ACT K . 2.63 -4.21 -20.83
OXT ACT K . 0.56 -4.75 -21.29
CH3 ACT K . 1.48 -2.80 -22.33
C ACT L . -12.55 -12.02 17.15
O ACT L . -11.88 -12.05 16.11
OXT ACT L . -13.23 -11.03 17.46
CH3 ACT L . -12.49 -13.18 18.08
#